data_7XV0
#
_entry.id   7XV0
#
_cell.length_a   38.088
_cell.length_b   53.644
_cell.length_c   54.501
_cell.angle_alpha   90.000
_cell.angle_beta   90.000
_cell.angle_gamma   90.000
#
_symmetry.space_group_name_H-M   'P 21 21 21'
#
loop_
_entity.id
_entity.type
_entity.pdbx_description
1 polymer 'Replication protein A 70 kDa DNA-binding subunit'
2 polymer 'Bloom syndrome protein'
3 water water
#
loop_
_entity_poly.entity_id
_entity_poly.type
_entity_poly.pdbx_seq_one_letter_code
_entity_poly.pdbx_strand_id
1 'polypeptide(L)'
;SMVGQLSEGAIAAIMQKGDTNIKPILQVINIRPITTGNSPPRYRLLMSDGLNTLSSFMLATQLNPLVEEEQLSSNCVCQI
HRFIVNTLKDGRRVVILMELEVLKSAEAVGVKIGNPVPYNEGTSSG
;
A
2 'polypeptide(L)' DSLSTINDWDDMDDFDTSET B
#
# COMPACT_ATOMS: atom_id res chain seq x y z
N SER A 1 -11.27 -10.95 17.23
CA SER A 1 -9.83 -10.65 17.21
C SER A 1 -9.57 -9.37 16.46
N MET A 2 -8.39 -8.78 16.65
CA MET A 2 -8.05 -7.54 15.96
C MET A 2 -8.05 -7.72 14.45
N VAL A 3 -7.69 -8.91 13.95
CA VAL A 3 -7.63 -9.12 12.51
C VAL A 3 -9.02 -9.14 11.88
N GLY A 4 -10.07 -9.28 12.72
CA GLY A 4 -11.42 -9.14 12.23
C GLY A 4 -11.71 -7.77 11.65
N GLN A 5 -10.85 -6.77 11.91
CA GLN A 5 -10.97 -5.44 11.34
C GLN A 5 -10.37 -5.31 9.95
N LEU A 6 -9.59 -6.28 9.48
CA LEU A 6 -8.90 -6.17 8.21
C LEU A 6 -9.52 -7.08 7.14
N SER A 7 -9.39 -6.66 5.89
CA SER A 7 -9.95 -7.38 4.73
C SER A 7 -9.04 -8.55 4.35
N GLU A 8 -9.08 -9.61 5.17
CA GLU A 8 -8.25 -10.79 4.93
C GLU A 8 -8.47 -11.30 3.52
N GLY A 9 -7.37 -11.52 2.80
CA GLY A 9 -7.45 -12.00 1.42
C GLY A 9 -7.38 -10.92 0.36
N ALA A 10 -7.53 -9.65 0.73
CA ALA A 10 -7.56 -8.59 -0.27
C ALA A 10 -6.23 -8.43 -0.99
N ILE A 11 -5.10 -8.71 -0.34
CA ILE A 11 -3.82 -8.53 -1.04
C ILE A 11 -3.70 -9.52 -2.19
N ALA A 12 -4.01 -10.79 -1.94
CA ALA A 12 -3.99 -11.75 -3.03
C ALA A 12 -4.98 -11.36 -4.12
N ALA A 13 -6.15 -10.86 -3.74
CA ALA A 13 -7.15 -10.44 -4.72
C ALA A 13 -6.65 -9.28 -5.57
N ILE A 14 -6.02 -8.28 -4.94
CA ILE A 14 -5.47 -7.15 -5.69
C ILE A 14 -4.47 -7.64 -6.73
N MET A 15 -3.60 -8.58 -6.33
CA MET A 15 -2.46 -8.91 -7.14
C MET A 15 -2.79 -9.97 -8.18
N GLN A 16 -3.84 -10.75 -7.95
CA GLN A 16 -4.22 -11.88 -8.79
C GLN A 16 -5.44 -11.59 -9.66
N LYS A 17 -6.47 -10.98 -9.10
CA LYS A 17 -7.68 -10.68 -9.87
C LYS A 17 -7.68 -9.28 -10.45
N GLY A 18 -7.10 -8.32 -9.75
CA GLY A 18 -7.03 -6.96 -10.25
C GLY A 18 -8.35 -6.24 -10.37
N ASP A 19 -9.38 -6.68 -9.63
CA ASP A 19 -10.69 -6.01 -9.65
C ASP A 19 -10.58 -4.76 -8.78
N THR A 20 -10.63 -3.59 -9.41
CA THR A 20 -10.46 -2.35 -8.67
C THR A 20 -11.72 -1.92 -7.94
N ASN A 21 -12.75 -2.76 -7.91
CA ASN A 21 -14.00 -2.38 -7.27
C ASN A 21 -13.99 -2.65 -5.76
N ILE A 22 -13.13 -3.52 -5.27
CA ILE A 22 -13.09 -3.76 -3.83
C ILE A 22 -12.61 -2.49 -3.13
N LYS A 23 -13.05 -2.31 -1.89
CA LYS A 23 -12.63 -1.19 -1.05
C LYS A 23 -12.02 -1.78 0.23
N PRO A 24 -10.88 -2.45 0.12
CA PRO A 24 -10.37 -3.23 1.25
C PRO A 24 -9.86 -2.35 2.39
N ILE A 25 -9.99 -2.90 3.59
CA ILE A 25 -9.47 -2.29 4.80
C ILE A 25 -8.15 -2.96 5.13
N LEU A 26 -7.09 -2.16 5.17
CA LEU A 26 -5.74 -2.66 5.31
C LEU A 26 -5.03 -1.91 6.41
N GLN A 27 -3.98 -2.54 6.95
CA GLN A 27 -3.13 -1.87 7.93
C GLN A 27 -1.83 -1.44 7.26
N VAL A 28 -1.41 -0.21 7.54
CA VAL A 28 -0.07 0.24 7.15
C VAL A 28 0.92 -0.32 8.15
N ILE A 29 1.91 -1.07 7.67
CA ILE A 29 2.95 -1.61 8.54
C ILE A 29 4.19 -0.72 8.56
N ASN A 30 4.58 -0.18 7.39
CA ASN A 30 5.76 0.67 7.28
C ASN A 30 5.54 1.62 6.12
N ILE A 31 6.20 2.77 6.20
CA ILE A 31 6.22 3.79 5.16
C ILE A 31 7.67 4.19 4.92
N ARG A 32 8.09 4.23 3.66
CA ARG A 32 9.48 4.54 3.32
C ARG A 32 9.46 5.50 2.12
N PRO A 33 10.16 6.62 2.16
CA PRO A 33 10.32 7.39 0.93
C PRO A 33 11.09 6.60 -0.11
N ILE A 34 10.67 6.76 -1.36
CA ILE A 34 11.33 6.22 -2.55
C ILE A 34 12.31 7.28 -3.06
N THR A 35 13.49 6.83 -3.50
CA THR A 35 14.46 7.74 -4.09
C THR A 35 13.82 8.48 -5.25
N THR A 36 13.80 9.81 -5.18
CA THR A 36 13.28 10.62 -6.27
C THR A 36 14.32 11.58 -6.84
N GLY A 37 14.92 12.41 -6.01
CA GLY A 37 15.80 13.46 -6.50
C GLY A 37 15.03 14.50 -7.27
N SER A 39 11.71 18.34 -6.73
CA SER A 39 10.96 17.14 -7.10
C SER A 39 9.90 16.87 -6.04
N PRO A 40 8.86 16.12 -6.38
CA PRO A 40 7.93 15.66 -5.35
C PRO A 40 8.35 14.33 -4.76
N PRO A 41 8.39 14.23 -3.43
CA PRO A 41 8.72 12.97 -2.78
C PRO A 41 7.68 11.90 -3.12
N ARG A 42 8.09 10.65 -3.04
CA ARG A 42 7.16 9.54 -3.25
C ARG A 42 7.30 8.55 -2.11
N TYR A 43 6.18 7.97 -1.70
CA TYR A 43 6.13 7.11 -0.52
C TYR A 43 5.72 5.70 -0.89
N ARG A 44 6.52 4.74 -0.45
CA ARG A 44 6.23 3.32 -0.61
C ARG A 44 5.68 2.79 0.71
N LEU A 45 4.67 1.94 0.64
CA LEU A 45 3.99 1.44 1.84
C LEU A 45 4.05 -0.09 1.87
N LEU A 46 4.39 -0.63 3.04
CA LEU A 46 4.21 -2.04 3.36
C LEU A 46 2.84 -2.17 4.00
N MET A 47 1.92 -2.88 3.33
CA MET A 47 0.53 -2.98 3.73
C MET A 47 0.24 -4.41 4.14
N SER A 48 -0.76 -4.59 5.00
CA SER A 48 -1.18 -5.88 5.51
C SER A 48 -2.70 -6.02 5.44
N ASP A 49 -3.17 -7.18 4.99
CA ASP A 49 -4.57 -7.54 5.14
C ASP A 49 -4.80 -8.53 6.28
N GLY A 50 -3.80 -8.70 7.15
CA GLY A 50 -3.91 -9.62 8.27
C GLY A 50 -3.37 -11.01 7.97
N LEU A 51 -3.42 -11.42 6.71
CA LEU A 51 -2.86 -12.70 6.28
C LEU A 51 -1.52 -12.52 5.58
N ASN A 52 -1.42 -11.52 4.71
CA ASN A 52 -0.21 -11.23 3.94
C ASN A 52 0.19 -9.78 4.10
N THR A 53 1.49 -9.54 3.97
CA THR A 53 2.03 -8.20 3.76
C THR A 53 2.54 -8.08 2.33
N LEU A 54 2.58 -6.86 1.84
CA LEU A 54 3.02 -6.58 0.49
C LEU A 54 3.58 -5.17 0.45
N SER A 55 4.79 -5.02 -0.09
CA SER A 55 5.46 -3.73 -0.12
C SER A 55 5.39 -3.04 -1.49
N SER A 56 4.60 -3.54 -2.42
CA SER A 56 4.51 -2.96 -3.75
C SER A 56 3.40 -1.93 -3.87
N PHE A 57 3.22 -1.08 -2.84
CA PHE A 57 2.26 0.01 -2.86
C PHE A 57 2.99 1.34 -2.89
N MET A 58 2.54 2.25 -3.76
CA MET A 58 2.99 3.63 -3.80
C MET A 58 1.78 4.55 -3.62
N LEU A 59 1.95 5.59 -2.82
CA LEU A 59 0.94 6.63 -2.67
C LEU A 59 0.92 7.54 -3.88
N ALA A 60 -0.26 7.83 -4.40
CA ALA A 60 -0.38 8.93 -5.35
C ALA A 60 0.13 10.21 -4.71
N THR A 61 0.77 11.08 -5.51
CA THR A 61 1.38 12.27 -4.92
C THR A 61 0.34 13.17 -4.27
N GLN A 62 -0.90 13.15 -4.75
CA GLN A 62 -1.97 13.94 -4.13
C GLN A 62 -2.21 13.56 -2.67
N LEU A 63 -1.79 12.37 -2.26
CA LEU A 63 -1.98 11.93 -0.89
C LEU A 63 -0.76 12.17 -0.02
N ASN A 64 0.32 12.70 -0.58
CA ASN A 64 1.52 12.95 0.21
C ASN A 64 1.26 13.71 1.51
N PRO A 65 0.38 14.72 1.57
CA PRO A 65 0.17 15.41 2.85
C PRO A 65 -0.28 14.50 3.98
N LEU A 66 -0.97 13.40 3.68
CA LEU A 66 -1.36 12.47 4.75
C LEU A 66 -0.13 11.92 5.46
N VAL A 67 0.93 11.64 4.70
CA VAL A 67 2.16 11.13 5.29
C VAL A 67 2.92 12.25 5.98
N GLU A 68 3.04 13.38 5.30
CA GLU A 68 3.90 14.46 5.80
C GLU A 68 3.31 15.13 7.04
N GLU A 69 1.99 15.15 7.19
CA GLU A 69 1.36 15.68 8.40
C GLU A 69 1.05 14.59 9.42
N GLU A 70 1.56 13.37 9.18
CA GLU A 70 1.54 12.25 10.12
C GLU A 70 0.12 11.86 10.52
N GLN A 71 -0.80 11.94 9.56
CA GLN A 71 -2.12 11.36 9.75
C GLN A 71 -2.19 9.93 9.25
N LEU A 72 -1.35 9.58 8.28
CA LEU A 72 -1.16 8.24 7.77
C LEU A 72 0.22 7.80 8.21
N SER A 73 0.29 6.86 9.15
CA SER A 73 1.57 6.43 9.67
C SER A 73 1.49 4.95 10.03
N SER A 74 2.67 4.36 10.29
CA SER A 74 2.73 2.93 10.56
C SER A 74 1.86 2.54 11.72
N ASN A 75 1.09 1.47 11.52
CA ASN A 75 0.09 0.85 12.41
C ASN A 75 -1.32 1.35 12.16
N CYS A 76 -1.50 2.44 11.41
CA CYS A 76 -2.85 2.90 11.19
C CYS A 76 -3.61 1.92 10.28
N VAL A 77 -4.93 1.96 10.39
CA VAL A 77 -5.83 1.12 9.60
C VAL A 77 -6.59 2.03 8.64
N CYS A 78 -6.57 1.68 7.36
CA CYS A 78 -7.19 2.54 6.36
CA CYS A 78 -7.08 2.51 6.27
C CYS A 78 -8.02 1.70 5.40
N GLN A 79 -8.98 2.38 4.78
CA GLN A 79 -9.81 1.79 3.75
C GLN A 79 -9.40 2.37 2.41
N ILE A 80 -9.07 1.52 1.45
CA ILE A 80 -8.66 1.97 0.12
C ILE A 80 -9.92 2.20 -0.72
N HIS A 81 -10.11 3.43 -1.19
CA HIS A 81 -11.29 3.74 -1.98
C HIS A 81 -11.03 3.82 -3.48
N ARG A 82 -9.78 4.00 -3.89
CA ARG A 82 -9.44 3.97 -5.31
C ARG A 82 -8.00 3.55 -5.45
N PHE A 83 -7.74 2.59 -6.33
CA PHE A 83 -6.38 2.18 -6.60
C PHE A 83 -6.31 1.69 -8.02
N ILE A 84 -5.08 1.67 -8.55
CA ILE A 84 -4.83 1.03 -9.84
C ILE A 84 -3.68 0.06 -9.68
N VAL A 85 -3.69 -0.98 -10.51
CA VAL A 85 -2.59 -1.93 -10.59
C VAL A 85 -1.93 -1.78 -11.95
N ASN A 86 -0.61 -1.69 -11.96
CA ASN A 86 0.17 -1.73 -13.19
C ASN A 86 1.12 -2.91 -13.18
N THR A 87 1.41 -3.43 -14.37
CA THR A 87 2.29 -4.57 -14.55
C THR A 87 3.51 -4.14 -15.35
N LEU A 88 4.69 -4.38 -14.76
CA LEU A 88 5.95 -3.98 -15.35
C LEU A 88 6.42 -5.01 -16.38
N LYS A 89 7.45 -4.62 -17.13
CA LYS A 89 7.93 -5.46 -18.24
C LYS A 89 8.31 -6.86 -17.77
N ASP A 90 8.91 -6.97 -16.58
CA ASP A 90 9.38 -8.25 -16.09
C ASP A 90 8.30 -9.07 -15.39
N GLY A 91 7.05 -8.57 -15.37
CA GLY A 91 5.93 -9.26 -14.79
C GLY A 91 5.54 -8.81 -13.39
N ARG A 92 6.40 -8.04 -12.72
CA ARG A 92 6.08 -7.57 -11.38
C ARG A 92 4.89 -6.61 -11.43
N ARG A 93 4.03 -6.69 -10.42
CA ARG A 93 2.88 -5.80 -10.33
C ARG A 93 3.07 -4.79 -9.20
N VAL A 94 2.59 -3.56 -9.45
CA VAL A 94 2.64 -2.48 -8.47
C VAL A 94 1.25 -1.89 -8.32
N VAL A 95 0.98 -1.36 -7.13
CA VAL A 95 -0.33 -0.83 -6.78
C VAL A 95 -0.15 0.64 -6.43
N ILE A 96 -0.89 1.52 -7.10
CA ILE A 96 -0.90 2.94 -6.78
C ILE A 96 -2.17 3.24 -6.01
N LEU A 97 -2.03 3.76 -4.80
CA LEU A 97 -3.16 4.11 -3.95
C LEU A 97 -3.56 5.56 -4.25
N MET A 98 -4.77 5.76 -4.75
CA MET A 98 -5.24 7.07 -5.19
CA MET A 98 -5.23 7.07 -5.18
C MET A 98 -6.14 7.76 -4.18
N GLU A 99 -7.00 7.00 -3.50
CA GLU A 99 -7.88 7.57 -2.50
C GLU A 99 -7.92 6.59 -1.35
N LEU A 100 -7.85 7.11 -0.13
CA LEU A 100 -8.01 6.25 1.02
C LEU A 100 -8.52 7.06 2.18
N GLU A 101 -8.96 6.35 3.19
CA GLU A 101 -9.53 6.94 4.40
C GLU A 101 -8.83 6.28 5.58
N VAL A 102 -8.31 7.07 6.51
CA VAL A 102 -7.77 6.50 7.73
C VAL A 102 -8.94 6.24 8.67
N LEU A 103 -9.19 4.96 8.97
CA LEU A 103 -10.27 4.57 9.88
C LEU A 103 -9.86 4.62 11.34
N LYS A 104 -8.63 4.23 11.64
CA LYS A 104 -8.11 4.27 13.00
C LYS A 104 -6.68 4.75 12.92
N SER A 105 -6.34 5.75 13.72
CA SER A 105 -4.99 6.28 13.71
C SER A 105 -4.00 5.26 14.23
N ALA A 106 -2.72 5.46 13.86
CA ALA A 106 -1.67 4.59 14.37
C ALA A 106 -1.68 4.53 15.89
N GLU A 107 -1.91 5.67 16.55
CA GLU A 107 -1.89 5.75 17.99
C GLU A 107 -3.02 4.95 18.64
N ALA A 108 -4.15 4.85 17.93
CA ALA A 108 -5.29 4.11 18.46
C ALA A 108 -5.16 2.60 18.23
N VAL A 109 -4.36 2.18 17.26
CA VAL A 109 -4.17 0.76 16.98
C VAL A 109 -2.97 0.25 17.75
N GLY A 110 -1.81 0.88 17.52
CA GLY A 110 -0.66 0.72 18.39
C GLY A 110 0.30 -0.40 18.03
N VAL A 111 -0.10 -1.36 17.19
CA VAL A 111 0.75 -2.51 16.93
C VAL A 111 0.33 -3.14 15.61
N LYS A 112 1.24 -3.94 15.05
CA LYS A 112 0.89 -4.75 13.89
C LYS A 112 -0.17 -5.78 14.29
N ILE A 113 -1.24 -5.83 13.52
CA ILE A 113 -2.35 -6.73 13.79
C ILE A 113 -2.02 -8.12 13.27
N GLY A 114 -2.17 -9.13 14.14
CA GLY A 114 -2.04 -10.51 13.69
C GLY A 114 -0.62 -10.87 13.29
N ASN A 115 -0.50 -11.86 12.40
CA ASN A 115 0.79 -12.43 12.03
C ASN A 115 0.88 -12.59 10.51
N PRO A 116 0.77 -11.51 9.75
CA PRO A 116 0.79 -11.63 8.29
C PRO A 116 2.16 -12.02 7.78
N VAL A 117 2.17 -12.79 6.68
CA VAL A 117 3.41 -13.27 6.06
C VAL A 117 3.58 -12.61 4.69
N PRO A 118 4.80 -12.45 4.20
CA PRO A 118 4.96 -11.79 2.90
C PRO A 118 4.21 -12.51 1.78
N TYR A 119 3.56 -11.71 0.94
CA TYR A 119 2.87 -12.24 -0.22
C TYR A 119 3.86 -12.86 -1.19
N ASN A 120 3.51 -14.04 -1.73
CA ASN A 120 4.34 -14.76 -2.69
C ASN A 120 3.92 -14.36 -4.09
N GLU A 121 4.73 -13.51 -4.73
CA GLU A 121 4.45 -13.07 -6.10
C GLU A 121 5.32 -13.74 -7.14
N GLY A 122 6.47 -14.30 -6.77
CA GLY A 122 7.40 -14.85 -7.72
C GLY A 122 8.18 -13.76 -8.45
N SER B 2 13.92 -4.50 -7.90
CA SER B 2 13.90 -3.38 -6.96
C SER B 2 12.72 -2.46 -7.21
N LEU B 3 12.21 -1.89 -6.12
CA LEU B 3 11.22 -0.82 -6.19
C LEU B 3 11.68 0.39 -5.36
N SER B 4 12.97 0.50 -5.10
CA SER B 4 13.48 1.50 -4.19
C SER B 4 13.78 2.85 -4.85
N THR B 5 13.69 2.96 -6.18
CA THR B 5 13.79 4.24 -6.86
C THR B 5 12.56 4.46 -7.74
N ILE B 6 12.23 5.74 -7.98
CA ILE B 6 10.95 6.02 -8.61
C ILE B 6 10.89 5.45 -10.03
N ASN B 7 12.02 5.42 -10.73
CA ASN B 7 12.06 4.83 -12.07
C ASN B 7 11.63 3.36 -12.08
N ASP B 8 11.84 2.64 -10.97
CA ASP B 8 11.47 1.23 -10.90
C ASP B 8 9.98 0.99 -11.06
N TRP B 9 9.15 1.99 -10.81
CA TRP B 9 7.70 1.78 -10.72
C TRP B 9 7.01 1.90 -12.06
N ASP B 10 7.76 2.20 -13.12
CA ASP B 10 7.17 2.55 -14.41
C ASP B 10 8.20 2.27 -15.49
N ASP B 11 7.96 1.25 -16.30
CA ASP B 11 8.90 0.93 -17.36
C ASP B 11 8.65 1.73 -18.63
N MET B 12 7.38 1.98 -18.99
CA MET B 12 7.14 2.62 -20.28
C MET B 12 7.47 4.11 -20.30
N ASP B 13 7.59 4.74 -19.14
CA ASP B 13 8.14 6.09 -19.08
C ASP B 13 9.66 6.10 -19.03
N ASP B 14 10.28 4.94 -18.96
CA ASP B 14 11.73 4.80 -18.81
C ASP B 14 12.34 4.57 -20.18
N PHE B 15 13.21 5.47 -20.60
CA PHE B 15 13.99 5.33 -21.83
C PHE B 15 15.45 5.20 -21.41
#